data_9F51
#
_entry.id   9F51
#
_cell.length_a   37.977
_cell.length_b   43.863
_cell.length_c   56.080
_cell.angle_alpha   90.000
_cell.angle_beta   94.280
_cell.angle_gamma   90.000
#
_symmetry.space_group_name_H-M   'P 1 21 1'
#
loop_
_entity.id
_entity.type
_entity.pdbx_description
1 polymer 'Heterogeneous nuclear ribonucleoprotein A1, N-terminally processed'
2 non-polymer ~{N},~{N}-dimethyl-1~{H}-pyrazole-4-sulfonamide
3 water water
#
_entity_poly.entity_id   1
_entity_poly.type   'polypeptide(L)'
_entity_poly.pdbx_seq_one_letter_code
;GPMGSKSESPKEPEQLRKLFIGGLSFETTDESLRSHFEQWGTLTDCVVMRDPNTKRSRGFGFVTYATVEEVDAAMNARPH
KVDGRVVEPKRAVSREDSQRPGAHLTVKKIFVGGIKEDTEEHHLRDYFEQYGKIEVIEIMTDRGSGKKRGFAFVTFDDHD
SVDKIVIQKYHTVNGHNCEVRKALSKQEMASASSSQRG
;
_entity_poly.pdbx_strand_id   A
#
loop_
_chem_comp.id
_chem_comp.type
_chem_comp.name
_chem_comp.formula
A1H9V non-polymer ~{N},~{N}-dimethyl-1~{H}-pyrazole-4-sulfonamide 'C5 H9 N3 O2 S'
#
# COMPACT_ATOMS: atom_id res chain seq x y z
N PRO A 10 12.00 -19.17 5.58
CA PRO A 10 10.54 -19.06 5.68
C PRO A 10 9.96 -17.88 4.90
N LYS A 11 9.18 -18.22 3.88
CA LYS A 11 8.73 -17.25 2.89
C LYS A 11 7.52 -16.47 3.42
N GLU A 12 7.49 -15.17 3.13
CA GLU A 12 6.28 -14.40 3.39
C GLU A 12 5.14 -15.00 2.58
N PRO A 13 3.91 -14.94 3.08
CA PRO A 13 2.76 -15.41 2.28
C PRO A 13 2.74 -14.77 0.90
N GLU A 14 2.46 -15.60 -0.10
CA GLU A 14 2.48 -15.16 -1.49
C GLU A 14 1.57 -13.96 -1.72
N GLN A 15 0.41 -13.93 -1.06
CA GLN A 15 -0.51 -12.82 -1.27
C GLN A 15 0.12 -11.49 -0.94
N LEU A 16 1.05 -11.45 0.00
CA LEU A 16 1.68 -10.20 0.40
C LEU A 16 2.85 -9.84 -0.49
N ARG A 17 3.18 -10.68 -1.47
CA ARG A 17 4.27 -10.46 -2.40
C ARG A 17 3.78 -10.10 -3.81
N LYS A 18 2.47 -9.92 -3.93
CA LYS A 18 1.89 -9.68 -5.27
C LYS A 18 1.60 -8.21 -5.51
N LEU A 19 1.76 -7.81 -6.76
CA LEU A 19 1.31 -6.45 -7.10
C LEU A 19 0.33 -6.55 -8.25
N PHE A 20 -0.87 -6.00 -8.06
N PHE A 20 -0.86 -6.00 -8.07
CA PHE A 20 -1.85 -5.97 -9.17
CA PHE A 20 -1.85 -5.98 -9.18
C PHE A 20 -1.51 -4.73 -9.99
C PHE A 20 -1.54 -4.74 -10.00
N ILE A 21 -1.31 -4.90 -11.29
CA ILE A 21 -0.92 -3.77 -12.16
C ILE A 21 -2.08 -3.41 -13.09
N GLY A 22 -2.70 -2.27 -12.84
CA GLY A 22 -3.78 -1.81 -13.72
C GLY A 22 -3.27 -0.78 -14.70
N GLY A 23 -4.08 -0.54 -15.71
CA GLY A 23 -3.74 0.51 -16.68
C GLY A 23 -2.71 0.06 -17.71
N LEU A 24 -2.60 -1.24 -17.94
CA LEU A 24 -1.59 -1.67 -18.88
C LEU A 24 -1.90 -1.22 -20.29
N SER A 25 -0.84 -0.95 -21.04
CA SER A 25 -0.97 -0.97 -22.49
C SER A 25 -1.47 -2.33 -22.95
N PHE A 26 -2.41 -2.33 -23.89
CA PHE A 26 -2.86 -3.60 -24.46
C PHE A 26 -1.74 -4.34 -25.18
N GLU A 27 -0.62 -3.66 -25.52
CA GLU A 27 0.48 -4.40 -26.12
C GLU A 27 1.46 -4.99 -25.11
N THR A 28 1.30 -4.71 -23.81
CA THR A 28 2.14 -5.35 -22.81
C THR A 28 1.87 -6.85 -22.75
N THR A 29 2.95 -7.62 -22.66
CA THR A 29 2.92 -9.08 -22.63
C THR A 29 3.48 -9.57 -21.30
N ASP A 30 3.31 -10.86 -21.03
CA ASP A 30 3.95 -11.46 -19.86
C ASP A 30 5.42 -11.12 -19.87
N GLU A 31 6.05 -11.22 -21.04
CA GLU A 31 7.49 -11.01 -21.13
C GLU A 31 7.87 -9.55 -20.91
N SER A 32 7.13 -8.60 -21.49
CA SER A 32 7.52 -7.20 -21.32
C SER A 32 7.17 -6.68 -19.92
N LEU A 33 6.09 -7.20 -19.32
CA LEU A 33 5.80 -6.86 -17.94
C LEU A 33 6.89 -7.38 -17.01
N ARG A 34 7.35 -8.60 -17.27
CA ARG A 34 8.42 -9.20 -16.47
C ARG A 34 9.72 -8.44 -16.63
N SER A 35 10.11 -8.13 -17.87
CA SER A 35 11.37 -7.41 -18.05
C SER A 35 11.36 -6.08 -17.31
N HIS A 36 10.20 -5.41 -17.28
CA HIS A 36 10.11 -4.15 -16.55
C HIS A 36 10.26 -4.36 -15.05
N PHE A 37 9.41 -5.21 -14.48
CA PHE A 37 9.37 -5.27 -13.03
C PHE A 37 10.49 -6.10 -12.42
N GLU A 38 11.23 -6.88 -13.22
CA GLU A 38 12.42 -7.54 -12.69
C GLU A 38 13.52 -6.56 -12.29
N GLN A 39 13.38 -5.29 -12.64
CA GLN A 39 14.37 -4.31 -12.18
C GLN A 39 14.38 -4.17 -10.68
N TRP A 40 13.27 -4.51 -9.99
CA TRP A 40 13.18 -4.29 -8.56
C TRP A 40 13.14 -5.57 -7.74
N GLY A 41 13.31 -6.73 -8.36
CA GLY A 41 13.40 -7.96 -7.59
C GLY A 41 13.18 -9.17 -8.46
N THR A 42 13.34 -10.33 -7.82
CA THR A 42 13.07 -11.61 -8.45
C THR A 42 11.56 -11.82 -8.59
N LEU A 43 11.09 -12.09 -9.80
CA LEU A 43 9.67 -12.36 -10.02
C LEU A 43 9.44 -13.87 -10.12
N THR A 44 8.65 -14.41 -9.19
CA THR A 44 8.22 -15.79 -9.25
C THR A 44 7.01 -16.01 -10.13
N ASP A 45 6.30 -14.95 -10.51
CA ASP A 45 5.13 -15.05 -11.38
C ASP A 45 4.94 -13.68 -12.03
N CYS A 46 4.40 -13.69 -13.24
CA CYS A 46 4.15 -12.45 -13.99
C CYS A 46 3.18 -12.77 -15.11
N VAL A 47 1.96 -12.22 -15.02
CA VAL A 47 0.91 -12.60 -15.97
C VAL A 47 0.13 -11.35 -16.40
N VAL A 48 -0.11 -11.23 -17.69
CA VAL A 48 -1.08 -10.27 -18.24
C VAL A 48 -2.41 -10.99 -18.39
N MET A 49 -3.48 -10.40 -17.86
CA MET A 49 -4.80 -11.00 -18.04
C MET A 49 -5.34 -10.72 -19.43
N ARG A 50 -5.88 -11.77 -20.06
CA ARG A 50 -6.36 -11.69 -21.44
C ARG A 50 -7.74 -12.31 -21.54
N ASP A 51 -8.47 -11.86 -22.55
CA ASP A 51 -9.73 -12.50 -22.88
C ASP A 51 -9.51 -13.97 -23.28
N PRO A 52 -10.34 -14.89 -22.79
CA PRO A 52 -10.11 -16.31 -23.12
C PRO A 52 -10.34 -16.63 -24.59
N ASN A 53 -11.16 -15.86 -25.30
CA ASN A 53 -11.46 -16.15 -26.70
C ASN A 53 -10.61 -15.33 -27.67
N THR A 54 -10.50 -14.03 -27.45
CA THR A 54 -9.80 -13.16 -28.39
C THR A 54 -8.31 -13.05 -28.10
N LYS A 55 -7.87 -13.39 -26.89
CA LYS A 55 -6.50 -13.17 -26.40
C LYS A 55 -6.15 -11.69 -26.29
N ARG A 56 -7.12 -10.79 -26.50
CA ARG A 56 -6.85 -9.38 -26.33
C ARG A 56 -6.70 -9.08 -24.84
N SER A 57 -5.70 -8.27 -24.51
CA SER A 57 -5.44 -7.87 -23.13
C SER A 57 -6.65 -7.27 -22.46
N ARG A 58 -6.82 -7.61 -21.19
CA ARG A 58 -7.81 -6.99 -20.34
C ARG A 58 -7.28 -5.71 -19.72
N GLY A 59 -6.03 -5.35 -19.98
CA GLY A 59 -5.51 -4.09 -19.48
C GLY A 59 -4.97 -4.14 -18.06
N PHE A 60 -4.83 -5.32 -17.51
CA PHE A 60 -4.24 -5.44 -16.17
C PHE A 60 -3.59 -6.79 -16.05
N GLY A 61 -2.79 -6.91 -15.00
CA GLY A 61 -2.12 -8.16 -14.72
C GLY A 61 -1.52 -8.12 -13.36
N PHE A 62 -0.65 -9.09 -13.07
N PHE A 62 -0.65 -9.09 -13.07
CA PHE A 62 -0.06 -9.15 -11.71
CA PHE A 62 -0.07 -9.17 -11.71
C PHE A 62 1.35 -9.67 -11.78
C PHE A 62 1.35 -9.68 -11.77
N VAL A 63 2.16 -9.27 -10.79
CA VAL A 63 3.55 -9.77 -10.71
C VAL A 63 3.68 -10.28 -9.26
N THR A 64 4.46 -11.32 -9.07
CA THR A 64 4.76 -11.82 -7.71
C THR A 64 6.26 -11.77 -7.48
N TYR A 65 6.66 -11.02 -6.45
CA TYR A 65 8.07 -10.95 -6.08
C TYR A 65 8.42 -12.05 -5.09
N ALA A 66 9.72 -12.28 -4.93
CA ALA A 66 10.18 -13.29 -3.98
C ALA A 66 10.05 -12.83 -2.54
N THR A 67 10.06 -11.52 -2.29
CA THR A 67 10.02 -10.99 -0.93
C THR A 67 9.20 -9.71 -0.89
N VAL A 68 8.72 -9.39 0.31
CA VAL A 68 7.98 -8.15 0.55
C VAL A 68 8.88 -6.93 0.35
N GLU A 69 10.16 -7.01 0.74
CA GLU A 69 11.04 -5.88 0.48
C GLU A 69 11.14 -5.55 -1.00
N GLU A 70 11.04 -6.57 -1.87
CA GLU A 70 11.03 -6.29 -3.31
C GLU A 70 9.75 -5.59 -3.73
N VAL A 71 8.61 -5.99 -3.16
CA VAL A 71 7.35 -5.25 -3.42
C VAL A 71 7.53 -3.79 -3.05
N ASP A 72 8.09 -3.54 -1.85
CA ASP A 72 8.36 -2.18 -1.41
C ASP A 72 9.24 -1.44 -2.42
N ALA A 73 10.30 -2.09 -2.91
CA ALA A 73 11.18 -1.42 -3.86
C ALA A 73 10.43 -1.04 -5.13
N ALA A 74 9.58 -1.94 -5.61
CA ALA A 74 8.81 -1.63 -6.80
C ALA A 74 7.85 -0.47 -6.55
N MET A 75 7.12 -0.49 -5.43
CA MET A 75 6.25 0.64 -5.12
C MET A 75 7.01 1.93 -4.95
N ASN A 76 8.20 1.89 -4.35
CA ASN A 76 8.96 3.11 -4.17
C ASN A 76 9.52 3.66 -5.48
N ALA A 77 9.52 2.86 -6.54
CA ALA A 77 9.99 3.29 -7.85
C ALA A 77 8.87 3.80 -8.75
N ARG A 78 7.64 3.88 -8.25
CA ARG A 78 6.59 4.56 -9.00
C ARG A 78 6.98 6.02 -9.25
N PRO A 79 6.45 6.63 -10.30
CA PRO A 79 5.54 6.05 -11.31
C PRO A 79 6.25 5.12 -12.27
N HIS A 80 5.56 4.05 -12.63
CA HIS A 80 6.08 3.08 -13.59
C HIS A 80 5.45 3.31 -14.96
N LYS A 81 6.31 3.56 -15.94
CA LYS A 81 5.87 3.66 -17.33
C LYS A 81 6.29 2.36 -18.00
N VAL A 82 5.30 1.56 -18.38
CA VAL A 82 5.52 0.21 -18.90
C VAL A 82 5.04 0.20 -20.34
N ASP A 83 5.94 -0.04 -21.27
CA ASP A 83 5.59 -0.05 -22.68
C ASP A 83 4.86 1.24 -23.09
N GLY A 84 5.34 2.37 -22.54
CA GLY A 84 4.87 3.69 -22.92
C GLY A 84 3.69 4.24 -22.15
N ARG A 85 3.16 3.49 -21.19
CA ARG A 85 1.96 3.88 -20.47
C ARG A 85 2.24 3.86 -18.98
N VAL A 86 1.82 4.90 -18.25
CA VAL A 86 1.96 4.88 -16.80
C VAL A 86 0.90 3.94 -16.22
N VAL A 87 1.36 2.95 -15.46
CA VAL A 87 0.48 1.91 -14.95
C VAL A 87 0.16 2.19 -13.49
N GLU A 88 -0.71 1.40 -12.90
CA GLU A 88 -1.18 1.61 -11.52
C GLU A 88 -0.96 0.35 -10.69
N PRO A 89 0.17 0.24 -10.02
CA PRO A 89 0.41 -0.93 -9.16
C PRO A 89 -0.23 -0.76 -7.80
N LYS A 90 -0.81 -1.84 -7.29
CA LYS A 90 -1.37 -1.87 -5.94
C LYS A 90 -1.11 -3.23 -5.32
N ARG A 91 -0.86 -3.24 -4.02
CA ARG A 91 -0.77 -4.53 -3.35
C ARG A 91 -2.13 -5.24 -3.37
N ALA A 92 -2.07 -6.57 -3.30
CA ALA A 92 -3.27 -7.40 -3.24
C ALA A 92 -4.20 -6.95 -2.13
N HIS A 104 -10.04 -3.51 -4.32
CA HIS A 104 -9.11 -2.76 -3.48
C HIS A 104 -9.79 -1.46 -3.03
N LEU A 105 -9.74 -1.19 -1.73
CA LEU A 105 -10.29 0.05 -1.16
C LEU A 105 -9.14 1.04 -1.06
N THR A 106 -8.99 1.87 -2.08
CA THR A 106 -7.79 2.68 -2.25
C THR A 106 -7.96 4.01 -1.54
N VAL A 107 -7.36 4.15 -0.35
CA VAL A 107 -7.52 5.35 0.43
C VAL A 107 -6.17 5.77 0.99
N LYS A 108 -6.09 7.04 1.40
CA LYS A 108 -4.86 7.62 1.90
C LYS A 108 -4.93 7.94 3.39
N LYS A 109 -5.98 7.50 4.07
CA LYS A 109 -6.23 7.91 5.44
C LYS A 109 -6.49 6.70 6.32
N ILE A 110 -5.96 6.72 7.54
CA ILE A 110 -6.19 5.65 8.50
C ILE A 110 -6.81 6.21 9.77
N PHE A 111 -7.63 5.36 10.39
CA PHE A 111 -8.07 5.48 11.77
C PHE A 111 -7.06 4.78 12.66
N VAL A 112 -6.69 5.44 13.75
CA VAL A 112 -5.76 4.88 14.76
C VAL A 112 -6.48 4.93 16.09
N GLY A 113 -6.86 3.78 16.61
CA GLY A 113 -7.58 3.74 17.88
C GLY A 113 -6.76 3.14 19.00
N GLY A 114 -7.16 3.41 20.23
CA GLY A 114 -6.49 2.85 21.39
C GLY A 114 -5.31 3.65 21.90
N ILE A 115 -5.18 4.91 21.49
CA ILE A 115 -4.03 5.72 21.86
C ILE A 115 -4.23 6.45 23.18
N LYS A 116 -5.43 6.40 23.76
CA LYS A 116 -5.72 6.93 25.10
C LYS A 116 -5.52 8.44 25.13
N GLU A 117 -5.30 9.01 26.32
CA GLU A 117 -5.20 10.46 26.46
C GLU A 117 -3.77 10.99 26.45
N ASP A 118 -2.76 10.13 26.48
CA ASP A 118 -1.38 10.62 26.60
C ASP A 118 -0.61 10.60 25.27
N THR A 119 -1.24 10.19 24.17
CA THR A 119 -0.56 10.13 22.89
C THR A 119 -0.69 11.47 22.17
N GLU A 120 0.43 11.99 21.69
CA GLU A 120 0.54 13.30 21.06
C GLU A 120 0.90 13.16 19.59
N GLU A 121 0.89 14.30 18.90
CA GLU A 121 1.14 14.31 17.46
C GLU A 121 2.48 13.68 17.12
N HIS A 122 3.52 14.04 17.87
CA HIS A 122 4.86 13.58 17.54
C HIS A 122 5.01 12.07 17.69
N HIS A 123 4.28 11.45 18.63
CA HIS A 123 4.28 10.00 18.73
C HIS A 123 3.77 9.36 17.44
N LEU A 124 2.65 9.88 16.94
CA LEU A 124 2.08 9.32 15.72
C LEU A 124 2.97 9.62 14.52
N ARG A 125 3.52 10.83 14.44
CA ARG A 125 4.37 11.19 13.31
C ARG A 125 5.63 10.34 13.27
N ASP A 126 6.32 10.22 14.41
CA ASP A 126 7.57 9.49 14.43
C ASP A 126 7.37 8.05 13.99
N TYR A 127 6.23 7.46 14.36
CA TYR A 127 5.98 6.07 13.98
C TYR A 127 5.53 5.98 12.53
N PHE A 128 4.50 6.74 12.16
CA PHE A 128 3.89 6.50 10.85
C PHE A 128 4.68 7.11 9.68
N GLU A 129 5.61 8.02 9.96
CA GLU A 129 6.35 8.63 8.86
C GLU A 129 7.23 7.62 8.13
N GLN A 130 7.53 6.50 8.75
CA GLN A 130 8.30 5.45 8.10
C GLN A 130 7.46 4.58 7.18
N TYR A 131 6.14 4.77 7.16
CA TYR A 131 5.27 4.12 6.19
C TYR A 131 4.99 4.99 4.97
N GLY A 132 5.10 6.29 5.11
CA GLY A 132 4.82 7.16 3.98
C GLY A 132 4.86 8.59 4.43
N LYS A 133 4.68 9.47 3.45
CA LYS A 133 4.73 10.90 3.71
C LYS A 133 3.40 11.36 4.29
N ILE A 134 3.46 11.93 5.49
CA ILE A 134 2.26 12.34 6.22
C ILE A 134 1.88 13.75 5.81
N GLU A 135 0.60 13.96 5.52
CA GLU A 135 0.09 15.30 5.27
C GLU A 135 -0.75 15.85 6.40
N VAL A 136 -1.51 15.01 7.11
CA VAL A 136 -2.39 15.49 8.19
C VAL A 136 -2.34 14.48 9.33
N ILE A 137 -2.22 14.99 10.55
CA ILE A 137 -2.48 14.20 11.76
C ILE A 137 -3.57 14.91 12.53
N GLU A 138 -4.64 14.18 12.83
CA GLU A 138 -5.78 14.74 13.54
C GLU A 138 -6.01 13.91 14.79
N ILE A 139 -5.63 14.44 15.95
CA ILE A 139 -5.88 13.80 17.23
C ILE A 139 -7.26 14.25 17.69
N MET A 140 -8.17 13.30 17.88
CA MET A 140 -9.56 13.65 18.12
C MET A 140 -9.81 14.03 19.56
N THR A 141 -10.57 15.11 19.73
CA THR A 141 -10.89 15.64 21.04
C THR A 141 -12.40 15.79 21.16
N ASP A 142 -12.85 15.79 22.40
CA ASP A 142 -14.27 15.86 22.67
C ASP A 142 -14.81 17.25 22.37
N ARG A 143 -15.93 17.28 21.63
CA ARG A 143 -16.54 18.53 21.18
C ARG A 143 -16.94 19.42 22.34
N GLY A 144 -17.30 18.83 23.47
CA GLY A 144 -17.74 19.63 24.61
C GLY A 144 -16.62 20.02 25.55
N SER A 145 -15.73 19.08 25.87
CA SER A 145 -14.74 19.28 26.93
C SER A 145 -13.33 19.54 26.40
N GLY A 146 -13.06 19.21 25.15
CA GLY A 146 -11.72 19.29 24.63
C GLY A 146 -10.79 18.16 25.04
N LYS A 147 -11.27 17.21 25.85
CA LYS A 147 -10.42 16.11 26.26
C LYS A 147 -10.15 15.18 25.09
N LYS A 148 -8.97 14.56 25.11
CA LYS A 148 -8.64 13.62 24.05
C LYS A 148 -9.54 12.40 24.13
N ARG A 149 -9.99 11.93 22.97
CA ARG A 149 -10.91 10.80 22.94
C ARG A 149 -10.22 9.46 22.77
N GLY A 150 -8.92 9.46 22.52
CA GLY A 150 -8.20 8.21 22.39
C GLY A 150 -8.14 7.62 21.00
N PHE A 151 -8.38 8.43 19.96
CA PHE A 151 -8.15 7.97 18.59
C PHE A 151 -7.75 9.16 17.72
N ALA A 152 -7.26 8.84 16.53
CA ALA A 152 -6.68 9.84 15.64
C ALA A 152 -6.86 9.37 14.21
N PHE A 153 -6.70 10.31 13.28
CA PHE A 153 -6.63 10.01 11.86
C PHE A 153 -5.32 10.52 11.31
N VAL A 154 -4.69 9.73 10.44
CA VAL A 154 -3.47 10.12 9.76
C VAL A 154 -3.73 10.03 8.26
N THR A 155 -3.43 11.12 7.55
CA THR A 155 -3.58 11.19 6.11
C THR A 155 -2.19 11.25 5.48
N PHE A 156 -1.96 10.35 4.51
CA PHE A 156 -0.71 10.27 3.78
C PHE A 156 -0.89 10.85 2.38
N ASP A 157 0.22 11.03 1.68
CA ASP A 157 0.14 11.52 0.32
C ASP A 157 -0.15 10.44 -0.71
N ASP A 158 -0.28 9.19 -0.29
CA ASP A 158 -0.38 8.08 -1.24
C ASP A 158 -0.92 6.85 -0.51
N HIS A 159 -1.60 6.00 -1.26
CA HIS A 159 -2.31 4.87 -0.69
C HIS A 159 -1.41 3.73 -0.25
N ASP A 160 -0.19 3.60 -0.82
CA ASP A 160 0.60 2.42 -0.48
C ASP A 160 0.99 2.43 0.98
N SER A 161 1.24 3.61 1.55
N SER A 161 1.18 3.61 1.57
CA SER A 161 1.46 3.72 2.99
CA SER A 161 1.45 3.74 2.99
C SER A 161 0.36 3.01 3.77
C SER A 161 0.36 3.05 3.81
N VAL A 162 -0.90 3.35 3.49
CA VAL A 162 -2.03 2.75 4.18
C VAL A 162 -2.07 1.24 3.95
N ASP A 163 -1.83 0.80 2.71
CA ASP A 163 -1.85 -0.62 2.41
C ASP A 163 -0.82 -1.39 3.21
N LYS A 164 0.38 -0.83 3.36
CA LYS A 164 1.39 -1.47 4.19
C LYS A 164 0.97 -1.52 5.65
N ILE A 165 0.35 -0.44 6.12
CA ILE A 165 0.00 -0.33 7.53
C ILE A 165 -1.05 -1.37 7.91
N VAL A 166 -2.11 -1.47 7.11
CA VAL A 166 -3.25 -2.27 7.57
C VAL A 166 -3.04 -3.77 7.43
N ILE A 167 -1.99 -4.22 6.74
CA ILE A 167 -1.72 -5.64 6.71
C ILE A 167 -0.83 -6.10 7.86
N GLN A 168 -0.23 -5.17 8.61
CA GLN A 168 0.52 -5.56 9.81
C GLN A 168 -0.44 -6.11 10.85
N LYS A 169 -0.01 -7.16 11.55
CA LYS A 169 -0.81 -7.69 12.66
C LYS A 169 -0.88 -6.72 13.84
N TYR A 170 0.20 -5.95 14.07
CA TYR A 170 0.37 -5.15 15.28
C TYR A 170 0.87 -3.75 14.97
N HIS A 171 0.41 -2.77 15.74
CA HIS A 171 1.00 -1.43 15.75
C HIS A 171 1.14 -0.97 17.18
N THR A 172 2.38 -0.65 17.57
CA THR A 172 2.71 -0.19 18.91
C THR A 172 3.15 1.26 18.80
N VAL A 173 2.37 2.17 19.41
CA VAL A 173 2.64 3.60 19.40
C VAL A 173 2.51 4.11 20.82
N ASN A 174 3.56 4.76 21.32
CA ASN A 174 3.54 5.34 22.67
C ASN A 174 3.20 4.27 23.71
N GLY A 175 3.72 3.06 23.51
CA GLY A 175 3.46 1.94 24.39
C GLY A 175 2.09 1.31 24.27
N HIS A 176 1.20 1.87 23.45
CA HIS A 176 -0.15 1.35 23.30
C HIS A 176 -0.20 0.39 22.12
N ASN A 177 -0.91 -0.72 22.30
CA ASN A 177 -1.27 -1.60 21.19
C ASN A 177 -2.47 -1.00 20.48
N CYS A 178 -2.29 -0.57 19.24
CA CYS A 178 -3.29 0.23 18.55
C CYS A 178 -4.08 -0.58 17.54
N GLU A 179 -5.33 -0.16 17.34
CA GLU A 179 -6.20 -0.65 16.27
C GLU A 179 -6.08 0.31 15.09
N VAL A 180 -5.73 -0.19 13.92
CA VAL A 180 -5.55 0.68 12.76
C VAL A 180 -6.36 0.12 11.60
N ARG A 181 -7.16 0.99 10.99
CA ARG A 181 -7.93 0.58 9.83
C ARG A 181 -8.01 1.71 8.82
N LYS A 182 -8.38 1.34 7.59
CA LYS A 182 -8.62 2.33 6.56
C LYS A 182 -9.79 3.21 6.94
N ALA A 183 -9.69 4.50 6.62
CA ALA A 183 -10.73 5.48 6.94
C ALA A 183 -11.30 6.08 5.65
N LEU A 184 -12.63 6.09 5.55
CA LEU A 184 -13.41 6.59 4.39
C LEU A 184 -12.70 6.44 3.05
N1 A1H9V B . 8.18 6.31 -0.52
N3 A1H9V B . 8.25 4.87 3.84
C4 A1H9V B . 8.17 6.88 3.19
C5 A1H9V B . 7.72 4.80 2.62
C1 A1H9V B . 8.19 7.21 -1.68
C2 A1H9V B . 9.49 5.86 -0.09
C3 A1H9V B . 7.66 6.09 2.16
N2 A1H9V B . 8.53 6.14 4.22
O1 A1H9V B . 5.93 5.77 0.31
O2 A1H9V B . 6.88 8.02 0.69
S1 A1H9V B . 7.05 6.60 0.62
#